data_1Q0X
#
_entry.id   1Q0X
#
_cell.length_a   56.514
_cell.length_b   59.924
_cell.length_c   114.706
_cell.angle_alpha   90.00
_cell.angle_beta   92.36
_cell.angle_gamma   90.00
#
_symmetry.space_group_name_H-M   'C 1 2 1'
#
loop_
_entity.id
_entity.type
_entity.pdbx_description
1 polymer 'Fab 9B1, light chain'
2 polymer 'Fab 9B1, heavy chain'
3 non-polymer 'SULFATE ION'
4 non-polymer 'TETRAETHYLENE GLYCOL'
5 water water
#
loop_
_entity_poly.entity_id
_entity_poly.type
_entity_poly.pdbx_seq_one_letter_code
_entity_poly.pdbx_strand_id
1 'polypeptide(L)'
;DAVVTQESALTTSPGETVTLTCRSSTGAVTTSNYANWVQEKPDHLFTGLIGGTNNRAPGVPARFSGSLIGDKAALTITGA
QTEDEAIYFCALWSNNKLVFGGGTKLTVLGQPKSSPTVTLFPPSSEELSTAKATLVCTITDFYPGVVTVDWKVDGTPVTA
GMETTQPSKQSNNKYMASSYLTLTARAWERHSSYSCQVTHEGHSSNKTLSRA
;
L
2 'polypeptide(L)'
;EVQLQQSGAELMKPGASVKISCKATGYTFSSYWIEWVKQRPGHGLEWIGEILPGSGDTIFNEKFKGKATFTADTSSNTAY
MQLSSLTSEDSAVYYCARWVLDYYGMDYWGQGTSLTVSSASTTPPSVYPLAPGGHHHHHHSAMVTLGCLVKGYFPEPVTV
VWNKGSLSTGTHTFPAVLAADLYTLSSSVTVSASSWPGQSVTCNVAHPASSTKVDKKIAPS
;
H
#
loop_
_chem_comp.id
_chem_comp.type
_chem_comp.name
_chem_comp.formula
PG4 non-polymer 'TETRAETHYLENE GLYCOL' 'C8 H18 O5'
SO4 non-polymer 'SULFATE ION' 'O4 S -2'
#
# COMPACT_ATOMS: atom_id res chain seq x y z
N ASP A 1 20.28 -20.29 -1.48
CA ASP A 1 19.72 -18.95 -1.16
C ASP A 1 20.17 -17.90 -2.19
N ALA A 2 19.88 -18.16 -3.46
CA ALA A 2 20.24 -17.22 -4.51
C ALA A 2 19.49 -15.92 -4.29
N VAL A 3 20.04 -14.83 -4.82
CA VAL A 3 19.40 -13.52 -4.69
C VAL A 3 18.97 -13.04 -6.07
N VAL A 4 17.68 -12.73 -6.22
CA VAL A 4 17.13 -12.29 -7.50
C VAL A 4 16.91 -10.78 -7.49
N THR A 5 17.47 -10.10 -8.50
CA THR A 5 17.37 -8.65 -8.58
C THR A 5 16.60 -8.12 -9.81
N GLN A 6 15.73 -7.14 -9.55
CA GLN A 6 14.92 -6.50 -10.57
C GLN A 6 15.05 -4.98 -10.49
N GLU A 7 14.71 -4.30 -11.58
CA GLU A 7 14.74 -2.83 -11.58
C GLU A 7 13.74 -2.43 -10.49
N SER A 8 14.03 -1.37 -9.75
CA SER A 8 13.10 -0.96 -8.70
C SER A 8 11.86 -0.31 -9.30
N ALA A 9 12.07 0.48 -10.34
CA ALA A 9 10.96 1.18 -10.98
C ALA A 9 11.27 1.53 -12.43
N LEU A 10 10.22 1.57 -13.25
CA LEU A 10 10.33 1.91 -14.66
C LEU A 10 9.07 2.67 -15.04
N THR A 11 9.21 3.58 -15.98
CA THR A 11 8.09 4.37 -16.47
C THR A 11 7.96 4.20 -17.98
N THR A 12 6.73 4.10 -18.45
CA THR A 12 6.45 3.97 -19.88
C THR A 12 5.13 4.66 -20.19
N SER A 13 4.80 4.77 -21.47
CA SER A 13 3.55 5.41 -21.88
C SER A 13 2.73 4.46 -22.71
N PRO A 14 1.42 4.72 -22.83
CA PRO A 14 0.54 3.84 -23.62
C PRO A 14 1.08 3.64 -25.03
N GLY A 15 1.03 2.39 -25.48
CA GLY A 15 1.49 2.07 -26.82
C GLY A 15 2.95 1.72 -26.97
N GLU A 16 3.76 2.03 -25.94
CA GLU A 16 5.18 1.74 -26.02
C GLU A 16 5.53 0.34 -25.57
N THR A 17 6.77 -0.05 -25.85
CA THR A 17 7.28 -1.35 -25.45
C THR A 17 8.19 -1.10 -24.25
N VAL A 18 8.02 -1.92 -23.22
CA VAL A 18 8.85 -1.80 -22.04
C VAL A 18 9.37 -3.18 -21.70
N THR A 19 10.61 -3.25 -21.22
CA THR A 19 11.22 -4.52 -20.89
C THR A 19 11.74 -4.53 -19.46
N LEU A 20 11.30 -5.52 -18.70
CA LEU A 20 11.72 -5.67 -17.31
C LEU A 20 12.70 -6.83 -17.26
N THR A 21 13.71 -6.75 -16.40
CA THR A 21 14.70 -7.83 -16.32
C THR A 21 14.80 -8.43 -14.93
N CYS A 22 15.37 -9.63 -14.89
CA CYS A 22 15.48 -10.41 -13.66
C CYS A 22 16.84 -11.10 -13.61
N ARG A 23 17.69 -10.65 -12.70
CA ARG A 23 19.03 -11.19 -12.56
C ARG A 23 19.25 -12.07 -11.33
N SER A 24 20.13 -13.06 -11.47
CA SER A 24 20.47 -13.98 -10.39
C SER A 24 21.90 -13.74 -9.92
N SER A 25 22.10 -13.78 -8.61
CA SER A 25 23.43 -13.58 -8.02
C SER A 25 24.26 -14.85 -8.19
N THR A 26 23.58 -15.97 -8.45
CA THR A 26 24.23 -17.25 -8.61
C THR A 26 24.93 -17.36 -9.96
N GLY A 27 24.37 -16.70 -10.97
CA GLY A 27 24.97 -16.75 -12.30
C GLY A 27 23.96 -16.36 -13.36
N ALA A 28 24.18 -16.82 -14.58
CA ALA A 28 23.29 -16.52 -15.68
C ALA A 28 21.96 -17.25 -15.54
N VAL A 29 20.87 -16.56 -15.85
CA VAL A 29 19.56 -17.16 -15.78
C VAL A 29 19.40 -17.99 -17.05
N THR A 30 18.88 -19.22 -16.91
CA THR A 30 18.68 -20.09 -18.05
C THR A 30 17.30 -20.74 -17.98
N THR A 31 16.94 -21.49 -19.01
CA THR A 31 15.63 -22.15 -19.02
C THR A 31 15.49 -23.12 -17.85
N SER A 32 16.62 -23.49 -17.25
CA SER A 32 16.61 -24.40 -16.12
C SER A 32 16.15 -23.72 -14.84
N ASN A 33 15.94 -22.40 -14.91
CA ASN A 33 15.47 -21.65 -13.75
C ASN A 33 13.96 -21.41 -13.84
N TYR A 34 13.36 -21.86 -14.94
CA TYR A 34 11.92 -21.74 -15.19
C TYR A 34 11.35 -20.41 -14.70
N ALA A 35 11.96 -19.31 -15.15
CA ALA A 35 11.51 -17.99 -14.74
C ALA A 35 10.01 -17.74 -14.82
N ASN A 36 9.47 -17.22 -13.73
CA ASN A 36 8.05 -16.89 -13.63
C ASN A 36 7.95 -15.38 -13.53
N TRP A 37 6.81 -14.85 -13.97
CA TRP A 37 6.53 -13.43 -13.86
C TRP A 37 5.09 -13.32 -13.40
N VAL A 38 4.86 -12.58 -12.31
CA VAL A 38 3.51 -12.37 -11.80
C VAL A 38 3.28 -10.88 -11.65
N GLN A 39 2.01 -10.49 -11.66
CA GLN A 39 1.61 -9.07 -11.60
C GLN A 39 0.75 -8.74 -10.39
N GLU A 40 1.14 -7.71 -9.64
CA GLU A 40 0.37 -7.28 -8.47
C GLU A 40 -0.23 -5.90 -8.71
N LYS A 41 -1.56 -5.82 -8.71
CA LYS A 41 -2.25 -4.54 -8.91
C LYS A 41 -2.76 -4.08 -7.55
N PRO A 42 -3.15 -2.79 -7.43
CA PRO A 42 -3.66 -2.23 -6.17
C PRO A 42 -4.57 -3.15 -5.38
N ASP A 43 -4.44 -3.09 -4.06
CA ASP A 43 -5.22 -3.90 -3.13
C ASP A 43 -4.69 -5.33 -3.23
N HIS A 44 -3.36 -5.43 -3.32
CA HIS A 44 -2.63 -6.69 -3.45
C HIS A 44 -3.34 -7.77 -4.26
N LEU A 45 -3.60 -7.45 -5.52
CA LEU A 45 -4.26 -8.37 -6.45
C LEU A 45 -3.22 -9.00 -7.38
N PHE A 46 -2.89 -10.26 -7.13
CA PHE A 46 -1.89 -10.97 -7.95
C PHE A 46 -2.48 -11.81 -9.08
N THR A 47 -1.75 -11.85 -10.18
CA THR A 47 -2.14 -12.60 -11.37
C THR A 47 -0.87 -13.20 -11.96
N GLY A 48 -0.89 -14.48 -12.32
CA GLY A 48 0.28 -15.09 -12.92
C GLY A 48 0.34 -14.70 -14.39
N LEU A 49 1.52 -14.36 -14.90
CA LEU A 49 1.65 -13.95 -16.30
C LEU A 49 2.46 -14.93 -17.13
N ILE A 50 3.62 -15.28 -16.61
CA ILE A 50 4.55 -16.17 -17.31
C ILE A 50 5.10 -17.29 -16.43
N GLY A 51 5.29 -18.45 -17.05
CA GLY A 51 5.87 -19.58 -16.34
C GLY A 51 6.81 -20.26 -17.32
N GLY A 52 7.78 -21.03 -16.82
CA GLY A 52 8.70 -21.72 -17.71
C GLY A 52 9.39 -20.83 -18.72
N THR A 53 9.80 -19.65 -18.26
CA THR A 53 10.49 -18.65 -19.08
C THR A 53 9.64 -17.93 -20.11
N ASN A 54 8.86 -18.66 -20.91
CA ASN A 54 8.07 -18.03 -21.95
C ASN A 54 6.64 -18.52 -22.15
N ASN A 55 6.12 -19.30 -21.21
CA ASN A 55 4.75 -19.79 -21.33
C ASN A 55 3.78 -18.77 -20.76
N ARG A 56 2.81 -18.34 -21.56
CA ARG A 56 1.84 -17.36 -21.09
C ARG A 56 0.69 -18.05 -20.35
N ALA A 57 0.32 -17.49 -19.20
CA ALA A 57 -0.75 -18.04 -18.38
C ALA A 57 -2.11 -17.92 -19.06
N PRO A 58 -3.08 -18.76 -18.64
CA PRO A 58 -4.43 -18.73 -19.23
C PRO A 58 -5.13 -17.39 -19.00
N GLY A 59 -5.61 -16.78 -20.08
CA GLY A 59 -6.32 -15.52 -19.96
C GLY A 59 -5.46 -14.27 -20.00
N VAL A 60 -4.14 -14.45 -19.99
CA VAL A 60 -3.23 -13.31 -20.03
C VAL A 60 -3.11 -12.73 -21.44
N PRO A 61 -3.22 -11.41 -21.57
CA PRO A 61 -3.12 -10.72 -22.87
C PRO A 61 -1.88 -11.13 -23.66
N ALA A 62 -2.01 -11.18 -24.98
CA ALA A 62 -0.90 -11.56 -25.83
C ALA A 62 0.26 -10.57 -25.83
N ARG A 63 0.01 -9.36 -25.33
CA ARG A 63 1.06 -8.34 -25.31
C ARG A 63 2.16 -8.60 -24.30
N PHE A 64 1.95 -9.59 -23.43
CA PHE A 64 2.94 -9.97 -22.43
C PHE A 64 3.73 -11.17 -22.93
N SER A 65 5.05 -11.09 -22.87
CA SER A 65 5.86 -12.22 -23.29
C SER A 65 7.12 -12.33 -22.45
N GLY A 66 7.58 -13.56 -22.26
CA GLY A 66 8.77 -13.78 -21.46
C GLY A 66 9.90 -14.28 -22.33
N SER A 67 11.12 -13.97 -21.92
CA SER A 67 12.28 -14.39 -22.69
C SER A 67 13.53 -14.31 -21.84
N LEU A 68 14.67 -14.57 -22.49
CA LEU A 68 15.97 -14.46 -21.84
C LEU A 68 16.71 -13.40 -22.63
N ILE A 69 17.28 -12.44 -21.93
CA ILE A 69 18.05 -11.37 -22.57
C ILE A 69 19.43 -11.44 -21.93
N GLY A 70 20.41 -11.93 -22.68
CA GLY A 70 21.74 -12.05 -22.12
C GLY A 70 21.67 -13.11 -21.04
N ASP A 71 22.18 -12.79 -19.86
CA ASP A 71 22.18 -13.74 -18.75
C ASP A 71 21.05 -13.43 -17.76
N LYS A 72 19.99 -12.81 -18.25
CA LYS A 72 18.86 -12.46 -17.39
C LYS A 72 17.53 -12.88 -18.01
N ALA A 73 16.50 -12.99 -17.18
CA ALA A 73 15.17 -13.33 -17.67
C ALA A 73 14.53 -11.97 -17.95
N ALA A 74 13.59 -11.93 -18.87
CA ALA A 74 12.94 -10.66 -19.20
C ALA A 74 11.47 -10.80 -19.47
N LEU A 75 10.74 -9.75 -19.15
CA LEU A 75 9.31 -9.69 -19.42
C LEU A 75 9.14 -8.49 -20.33
N THR A 76 8.53 -8.71 -21.47
CA THR A 76 8.29 -7.62 -22.42
C THR A 76 6.80 -7.37 -22.51
N ILE A 77 6.43 -6.08 -22.47
CA ILE A 77 5.06 -5.69 -22.62
C ILE A 77 5.09 -4.82 -23.86
N THR A 78 4.52 -5.31 -24.95
CA THR A 78 4.50 -4.55 -26.20
C THR A 78 3.13 -3.85 -26.25
N GLY A 79 3.13 -2.57 -26.59
CA GLY A 79 1.87 -1.84 -26.64
C GLY A 79 1.30 -1.72 -25.25
N ALA A 80 2.07 -1.15 -24.33
CA ALA A 80 1.62 -0.98 -22.95
C ALA A 80 0.29 -0.27 -22.87
N GLN A 81 -0.54 -0.70 -21.92
CA GLN A 81 -1.83 -0.08 -21.72
C GLN A 81 -1.86 0.48 -20.31
N THR A 82 -2.68 1.50 -20.09
CA THR A 82 -2.76 2.12 -18.77
C THR A 82 -3.00 1.11 -17.65
N GLU A 83 -3.82 0.11 -17.94
CA GLU A 83 -4.16 -0.93 -16.96
C GLU A 83 -2.98 -1.80 -16.56
N ASP A 84 -1.90 -1.71 -17.33
CA ASP A 84 -0.72 -2.52 -17.03
C ASP A 84 0.13 -1.95 -15.91
N GLU A 85 -0.24 -0.79 -15.40
CA GLU A 85 0.51 -0.22 -14.30
C GLU A 85 0.34 -1.18 -13.13
N ALA A 86 1.46 -1.65 -12.60
CA ALA A 86 1.44 -2.60 -11.50
C ALA A 86 2.85 -2.87 -11.03
N ILE A 87 2.98 -3.79 -10.08
CA ILE A 87 4.29 -4.18 -9.58
C ILE A 87 4.49 -5.58 -10.14
N TYR A 88 5.58 -5.77 -10.89
CA TYR A 88 5.87 -7.07 -11.48
C TYR A 88 6.98 -7.79 -10.75
N PHE A 89 6.73 -9.03 -10.37
CA PHE A 89 7.73 -9.82 -9.67
C PHE A 89 8.17 -11.00 -10.52
N CYS A 90 9.45 -11.33 -10.46
CA CYS A 90 9.90 -12.50 -11.18
C CYS A 90 10.27 -13.49 -10.09
N ALA A 91 10.28 -14.77 -10.44
CA ALA A 91 10.65 -15.82 -9.50
C ALA A 91 11.50 -16.80 -10.27
N LEU A 92 12.58 -17.24 -9.64
CA LEU A 92 13.48 -18.19 -10.25
C LEU A 92 13.54 -19.46 -9.43
N TRP A 93 13.64 -20.59 -10.10
CA TRP A 93 13.74 -21.87 -9.42
C TRP A 93 15.23 -22.18 -9.37
N SER A 94 15.82 -22.16 -8.19
CA SER A 94 17.24 -22.43 -8.02
C SER A 94 17.51 -23.17 -6.71
N ASN A 95 18.28 -24.25 -6.79
CA ASN A 95 18.60 -25.05 -5.62
C ASN A 95 17.33 -25.61 -5.00
N ASN A 96 16.46 -26.16 -5.84
CA ASN A 96 15.18 -26.71 -5.40
C ASN A 96 14.46 -25.73 -4.49
N LYS A 97 14.63 -24.45 -4.81
CA LYS A 97 14.00 -23.38 -4.04
C LYS A 97 13.41 -22.36 -5.01
N LEU A 98 12.32 -21.74 -4.61
CA LEU A 98 11.67 -20.73 -5.43
C LEU A 98 12.02 -19.38 -4.80
N VAL A 99 12.78 -18.57 -5.53
CA VAL A 99 13.22 -17.28 -5.04
C VAL A 99 12.62 -16.14 -5.86
N PHE A 100 12.02 -15.19 -5.17
CA PHE A 100 11.38 -14.04 -5.82
C PHE A 100 12.28 -12.82 -5.86
N GLY A 101 12.09 -11.99 -6.90
CA GLY A 101 12.85 -10.77 -7.02
C GLY A 101 12.14 -9.74 -6.15
N GLY A 102 12.71 -8.54 -6.03
CA GLY A 102 12.12 -7.51 -5.19
C GLY A 102 10.95 -6.78 -5.82
N GLY A 103 10.71 -7.06 -7.11
CA GLY A 103 9.61 -6.43 -7.81
C GLY A 103 9.92 -5.10 -8.47
N THR A 104 9.29 -4.86 -9.62
CA THR A 104 9.49 -3.60 -10.35
C THR A 104 8.17 -2.87 -10.44
N LYS A 105 8.15 -1.63 -9.94
CA LYS A 105 6.95 -0.81 -10.00
C LYS A 105 6.90 -0.16 -11.38
N LEU A 106 5.98 -0.61 -12.21
CA LEU A 106 5.83 -0.05 -13.55
C LEU A 106 4.75 1.01 -13.56
N THR A 107 5.14 2.23 -13.89
CA THR A 107 4.21 3.34 -14.00
C THR A 107 3.91 3.49 -15.48
N VAL A 108 2.63 3.60 -15.82
CA VAL A 108 2.23 3.81 -17.21
C VAL A 108 1.52 5.15 -17.16
N LEU A 109 2.10 6.16 -17.80
CA LEU A 109 1.51 7.49 -17.80
C LEU A 109 0.18 7.49 -18.54
N GLY A 110 -0.91 7.54 -17.78
CA GLY A 110 -2.23 7.51 -18.37
C GLY A 110 -2.95 8.83 -18.42
N GLN A 111 -2.28 9.88 -17.97
CA GLN A 111 -2.85 11.22 -17.97
C GLN A 111 -1.70 12.22 -17.88
N PRO A 112 -1.98 13.50 -18.15
CA PRO A 112 -0.96 14.54 -18.10
C PRO A 112 -0.31 14.67 -16.73
N LYS A 113 0.98 14.99 -16.72
CA LYS A 113 1.68 15.19 -15.46
C LYS A 113 1.04 16.41 -14.84
N SER A 114 1.05 16.46 -13.51
CA SER A 114 0.45 17.58 -12.80
C SER A 114 1.21 17.84 -11.51
N SER A 115 1.66 19.08 -11.32
CA SER A 115 2.36 19.44 -10.10
C SER A 115 1.34 19.49 -8.96
N PRO A 116 1.80 19.27 -7.73
CA PRO A 116 0.90 19.28 -6.58
C PRO A 116 0.40 20.64 -6.12
N THR A 117 -0.79 20.61 -5.53
CA THR A 117 -1.40 21.78 -4.94
C THR A 117 -1.14 21.55 -3.45
N VAL A 118 -0.52 22.52 -2.80
CA VAL A 118 -0.19 22.39 -1.38
C VAL A 118 -0.95 23.38 -0.51
N THR A 119 -1.43 22.89 0.63
CA THR A 119 -2.15 23.70 1.61
C THR A 119 -1.54 23.41 2.99
N LEU A 120 -1.20 24.46 3.74
CA LEU A 120 -0.60 24.27 5.05
C LEU A 120 -1.49 24.84 6.15
N PHE A 121 -1.81 24.00 7.12
CA PHE A 121 -2.65 24.39 8.26
C PHE A 121 -1.85 24.46 9.55
N PRO A 122 -2.12 25.48 10.38
CA PRO A 122 -1.41 25.63 11.65
C PRO A 122 -2.13 24.82 12.72
N PRO A 123 -1.50 24.64 13.90
CA PRO A 123 -2.11 23.89 14.98
C PRO A 123 -3.39 24.60 15.44
N SER A 124 -4.41 23.83 15.79
CA SER A 124 -5.66 24.43 16.25
C SER A 124 -5.47 24.86 17.70
N SER A 125 -6.20 25.89 18.11
CA SER A 125 -6.11 26.38 19.47
C SER A 125 -6.43 25.25 20.45
N GLU A 126 -7.39 24.41 20.06
CA GLU A 126 -7.81 23.30 20.88
C GLU A 126 -6.69 22.29 21.15
N GLU A 127 -5.90 21.99 20.12
CA GLU A 127 -4.81 21.04 20.31
C GLU A 127 -3.70 21.68 21.13
N LEU A 128 -3.42 22.95 20.85
CA LEU A 128 -2.37 23.67 21.57
C LEU A 128 -2.59 23.64 23.09
N SER A 129 -3.85 23.57 23.51
CA SER A 129 -4.18 23.55 24.93
C SER A 129 -3.74 22.25 25.60
N THR A 130 -3.45 21.24 24.78
CA THR A 130 -3.01 19.95 25.33
C THR A 130 -1.49 19.87 25.30
N ALA A 131 -0.86 21.00 24.99
CA ALA A 131 0.60 21.07 24.93
C ALA A 131 1.12 20.27 23.74
N LYS A 132 0.33 20.24 22.67
CA LYS A 132 0.69 19.54 21.45
C LYS A 132 0.45 20.47 20.27
N ALA A 133 1.22 20.31 19.21
CA ALA A 133 1.08 21.15 18.03
C ALA A 133 1.34 20.32 16.78
N THR A 134 0.33 20.20 15.93
CA THR A 134 0.50 19.46 14.70
C THR A 134 0.18 20.33 13.50
N LEU A 135 1.16 20.51 12.62
CA LEU A 135 0.92 21.27 11.40
C LEU A 135 0.54 20.23 10.37
N VAL A 136 -0.43 20.55 9.54
CA VAL A 136 -0.88 19.61 8.51
C VAL A 136 -0.66 20.18 7.13
N CYS A 137 0.06 19.42 6.31
CA CYS A 137 0.35 19.84 4.96
C CYS A 137 -0.37 18.90 4.01
N THR A 138 -1.41 19.40 3.36
CA THR A 138 -2.17 18.55 2.43
C THR A 138 -1.59 18.73 1.03
N ILE A 139 -1.56 17.63 0.30
CA ILE A 139 -0.97 17.60 -1.04
C ILE A 139 -1.96 16.92 -1.98
N THR A 140 -2.46 17.66 -2.96
CA THR A 140 -3.45 17.10 -3.87
C THR A 140 -3.18 17.34 -5.35
N ASP A 141 -3.96 16.63 -6.17
CA ASP A 141 -3.90 16.74 -7.63
C ASP A 141 -2.53 16.63 -8.29
N PHE A 142 -1.73 15.65 -7.88
CA PHE A 142 -0.44 15.50 -8.54
C PHE A 142 -0.38 14.19 -9.31
N TYR A 143 0.44 14.18 -10.35
CA TYR A 143 0.58 13.00 -11.19
C TYR A 143 1.92 13.09 -11.92
N PRO A 144 2.72 12.02 -11.91
CA PRO A 144 2.52 10.72 -11.27
C PRO A 144 2.47 10.80 -9.75
N GLY A 145 2.16 9.67 -9.11
CA GLY A 145 2.04 9.63 -7.66
C GLY A 145 3.29 9.42 -6.84
N VAL A 146 4.30 10.27 -7.04
CA VAL A 146 5.55 10.18 -6.28
C VAL A 146 6.02 11.58 -5.88
N VAL A 147 6.13 11.81 -4.58
CA VAL A 147 6.59 13.10 -4.09
C VAL A 147 7.48 12.88 -2.87
N THR A 148 8.26 13.91 -2.54
CA THR A 148 9.09 13.88 -1.35
C THR A 148 8.75 15.17 -0.64
N VAL A 149 8.72 15.12 0.68
CA VAL A 149 8.37 16.29 1.47
C VAL A 149 9.48 16.71 2.41
N ASP A 150 9.67 18.02 2.52
CA ASP A 150 10.68 18.59 3.39
C ASP A 150 10.07 19.71 4.18
N TRP A 151 10.35 19.74 5.48
CA TRP A 151 9.84 20.80 6.36
C TRP A 151 10.99 21.68 6.82
N LYS A 152 10.71 22.96 6.98
CA LYS A 152 11.71 23.88 7.47
C LYS A 152 11.07 24.83 8.46
N VAL A 153 11.76 25.01 9.58
CA VAL A 153 11.29 25.90 10.61
C VAL A 153 12.30 27.05 10.64
N ASP A 154 11.85 28.23 10.25
CA ASP A 154 12.71 29.40 10.19
C ASP A 154 13.94 29.14 9.32
N GLY A 155 13.71 28.46 8.21
CA GLY A 155 14.76 28.17 7.26
C GLY A 155 15.59 26.91 7.47
N THR A 156 15.49 26.32 8.65
CA THR A 156 16.27 25.11 8.94
C THR A 156 15.46 23.82 8.83
N PRO A 157 16.00 22.82 8.12
CA PRO A 157 15.31 21.53 7.95
C PRO A 157 14.97 20.85 9.26
N VAL A 158 13.79 20.24 9.31
CA VAL A 158 13.36 19.52 10.49
C VAL A 158 12.67 18.23 10.08
N THR A 159 13.09 17.12 10.69
CA THR A 159 12.48 15.83 10.40
C THR A 159 11.94 15.17 11.67
N ALA A 160 12.36 15.66 12.83
CA ALA A 160 11.89 15.10 14.09
C ALA A 160 10.40 15.39 14.23
N GLY A 161 9.61 14.35 14.53
CA GLY A 161 8.17 14.53 14.69
C GLY A 161 7.44 14.65 13.37
N MET A 162 8.11 14.32 12.28
CA MET A 162 7.47 14.43 10.98
C MET A 162 7.11 13.08 10.38
N GLU A 163 5.92 13.02 9.78
CA GLU A 163 5.43 11.80 9.16
C GLU A 163 4.70 12.16 7.87
N THR A 164 4.91 11.38 6.82
CA THR A 164 4.27 11.63 5.54
C THR A 164 3.57 10.37 5.06
N THR A 165 2.35 10.53 4.55
CA THR A 165 1.59 9.37 4.10
C THR A 165 2.07 8.90 2.74
N GLN A 166 1.57 7.74 2.36
CA GLN A 166 1.84 7.18 1.04
C GLN A 166 0.83 7.90 0.17
N PRO A 167 1.09 7.98 -1.14
CA PRO A 167 0.14 8.65 -2.03
C PRO A 167 -1.05 7.74 -2.27
N SER A 168 -2.22 8.32 -2.48
CA SER A 168 -3.41 7.53 -2.76
C SER A 168 -4.15 8.18 -3.92
N LYS A 169 -4.87 7.37 -4.68
CA LYS A 169 -5.60 7.87 -5.85
C LYS A 169 -6.86 8.65 -5.50
N GLN A 170 -7.05 9.76 -6.18
CA GLN A 170 -8.22 10.61 -5.99
C GLN A 170 -9.30 10.18 -7.00
N SER A 171 -10.50 10.72 -6.86
CA SER A 171 -11.58 10.38 -7.77
C SER A 171 -11.27 10.78 -9.21
N ASN A 172 -10.50 11.84 -9.38
CA ASN A 172 -10.14 12.31 -10.72
C ASN A 172 -8.91 11.60 -11.28
N ASN A 173 -8.47 10.55 -10.59
CA ASN A 173 -7.31 9.76 -11.00
C ASN A 173 -5.95 10.38 -10.72
N LYS A 174 -5.92 11.58 -10.13
CA LYS A 174 -4.64 12.17 -9.77
C LYS A 174 -4.36 11.62 -8.37
N TYR A 175 -3.28 12.07 -7.74
CA TYR A 175 -2.94 11.60 -6.41
C TYR A 175 -2.96 12.63 -5.30
N MET A 176 -3.10 12.14 -4.08
CA MET A 176 -3.10 12.99 -2.89
C MET A 176 -2.23 12.35 -1.81
N ALA A 177 -1.72 13.20 -0.91
CA ALA A 177 -0.89 12.74 0.20
C ALA A 177 -0.94 13.82 1.26
N SER A 178 -0.44 13.49 2.45
CA SER A 178 -0.42 14.44 3.57
C SER A 178 0.88 14.29 4.32
N SER A 179 1.33 15.38 4.95
CA SER A 179 2.53 15.31 5.76
C SER A 179 2.20 16.05 7.05
N TYR A 180 2.76 15.57 8.15
CA TYR A 180 2.49 16.15 9.46
C TYR A 180 3.77 16.45 10.22
N LEU A 181 3.79 17.58 10.90
CA LEU A 181 4.92 17.95 11.73
C LEU A 181 4.35 18.16 13.13
N THR A 182 4.75 17.33 14.08
CA THR A 182 4.24 17.43 15.43
C THR A 182 5.32 17.83 16.43
N LEU A 183 4.99 18.80 17.28
CA LEU A 183 5.91 19.27 18.29
C LEU A 183 5.09 19.52 19.54
N THR A 184 5.76 19.92 20.62
CA THR A 184 5.05 20.24 21.84
C THR A 184 4.55 21.66 21.60
N ALA A 185 3.56 22.10 22.37
CA ALA A 185 3.06 23.45 22.19
C ALA A 185 4.18 24.42 22.50
N ARG A 186 4.99 24.10 23.51
CA ARG A 186 6.09 24.95 23.90
C ARG A 186 7.12 25.11 22.78
N ALA A 187 7.44 24.00 22.11
CA ALA A 187 8.41 24.03 21.02
C ALA A 187 7.86 24.81 19.83
N TRP A 188 6.56 24.68 19.59
CA TRP A 188 5.91 25.38 18.49
C TRP A 188 6.08 26.88 18.67
N GLU A 189 6.06 27.33 19.93
CA GLU A 189 6.20 28.75 20.25
C GLU A 189 7.64 29.25 20.18
N ARG A 190 8.60 28.33 20.09
CA ARG A 190 10.01 28.70 20.01
C ARG A 190 10.46 28.91 18.57
N HIS A 191 9.50 28.89 17.64
CA HIS A 191 9.79 29.08 16.23
C HIS A 191 8.81 30.08 15.63
N SER A 192 9.18 30.69 14.51
CA SER A 192 8.32 31.67 13.87
C SER A 192 7.70 31.19 12.56
N SER A 193 8.55 30.96 11.56
CA SER A 193 8.08 30.54 10.24
C SER A 193 8.16 29.03 10.07
N TYR A 194 7.07 28.44 9.54
CA TYR A 194 7.00 27.01 9.28
C TYR A 194 6.75 26.84 7.81
N SER A 195 7.49 25.93 7.18
CA SER A 195 7.35 25.71 5.75
C SER A 195 7.27 24.25 5.36
N CYS A 196 6.34 23.94 4.46
CA CYS A 196 6.17 22.60 3.93
C CYS A 196 6.53 22.70 2.46
N GLN A 197 7.51 21.90 2.03
CA GLN A 197 7.97 21.93 0.66
C GLN A 197 7.81 20.56 0.02
N VAL A 198 7.07 20.52 -1.08
CA VAL A 198 6.80 19.29 -1.79
C VAL A 198 7.49 19.23 -3.15
N THR A 199 8.40 18.27 -3.31
CA THR A 199 9.13 18.11 -4.56
C THR A 199 8.49 17.00 -5.38
N HIS A 200 8.18 17.33 -6.63
CA HIS A 200 7.56 16.41 -7.57
C HIS A 200 8.28 16.53 -8.90
N GLU A 201 8.92 15.44 -9.33
CA GLU A 201 9.67 15.43 -10.57
C GLU A 201 10.63 16.60 -10.73
N GLY A 202 11.42 16.85 -9.68
CA GLY A 202 12.39 17.91 -9.74
C GLY A 202 11.90 19.32 -9.44
N HIS A 203 10.59 19.52 -9.39
CA HIS A 203 10.05 20.84 -9.10
C HIS A 203 9.48 20.87 -7.69
N SER A 204 9.81 21.92 -6.94
CA SER A 204 9.35 22.06 -5.57
C SER A 204 8.27 23.12 -5.39
N SER A 205 7.16 22.72 -4.79
CA SER A 205 6.05 23.62 -4.50
C SER A 205 6.07 23.84 -2.99
N ASN A 206 6.05 25.10 -2.56
CA ASN A 206 6.10 25.42 -1.13
C ASN A 206 4.98 26.28 -0.59
N LYS A 207 4.70 26.08 0.69
CA LYS A 207 3.70 26.84 1.43
C LYS A 207 4.28 27.10 2.82
N THR A 208 4.10 28.31 3.32
CA THR A 208 4.63 28.65 4.64
C THR A 208 3.63 29.47 5.44
N LEU A 209 3.88 29.57 6.74
CA LEU A 209 3.02 30.35 7.62
C LEU A 209 3.84 30.82 8.82
N SER A 210 3.33 31.84 9.50
CA SER A 210 3.98 32.39 10.69
C SER A 210 3.08 32.11 11.88
N ARG A 211 3.65 31.61 12.96
CA ARG A 211 2.89 31.30 14.17
C ARG A 211 2.08 32.48 14.66
N ALA A 212 2.67 33.65 14.67
CA ALA A 212 2.00 34.86 15.12
C ALA A 212 0.92 35.31 14.13
N GLU B 1 -14.30 -21.44 -14.58
CA GLU B 1 -13.26 -20.41 -14.30
C GLU B 1 -12.54 -20.73 -13.00
N VAL B 2 -11.22 -20.80 -13.08
CA VAL B 2 -10.38 -21.10 -11.92
C VAL B 2 -10.36 -19.95 -10.93
N GLN B 3 -10.60 -20.26 -9.66
CA GLN B 3 -10.60 -19.26 -8.62
C GLN B 3 -10.10 -19.82 -7.30
N LEU B 4 -9.38 -19.00 -6.55
CA LEU B 4 -8.86 -19.37 -5.23
C LEU B 4 -9.32 -18.26 -4.27
N GLN B 5 -10.20 -18.61 -3.34
CA GLN B 5 -10.71 -17.64 -2.37
C GLN B 5 -10.11 -17.89 -0.99
N GLN B 6 -9.47 -16.88 -0.42
CA GLN B 6 -8.83 -17.02 0.89
C GLN B 6 -9.63 -16.39 2.02
N SER B 7 -9.31 -16.79 3.24
CA SER B 7 -10.01 -16.24 4.40
C SER B 7 -9.71 -14.75 4.57
N GLY B 8 -10.56 -14.09 5.33
CA GLY B 8 -10.41 -12.65 5.55
C GLY B 8 -9.25 -12.23 6.43
N ALA B 9 -9.06 -10.91 6.55
CA ALA B 9 -7.99 -10.36 7.35
C ALA B 9 -8.04 -10.86 8.78
N GLU B 10 -6.87 -11.14 9.35
CA GLU B 10 -6.76 -11.65 10.71
C GLU B 10 -6.02 -10.67 11.61
N LEU B 11 -6.49 -10.55 12.85
CA LEU B 11 -5.87 -9.69 13.83
C LEU B 11 -5.55 -10.61 14.99
N MET B 12 -4.26 -10.91 15.17
CA MET B 12 -3.83 -11.80 16.22
C MET B 12 -2.85 -11.14 17.18
N LYS B 13 -2.83 -11.64 18.41
CA LYS B 13 -1.91 -11.12 19.41
C LYS B 13 -0.69 -12.01 19.42
N PRO B 14 0.48 -11.45 19.79
CA PRO B 14 1.72 -12.23 19.83
C PRO B 14 1.55 -13.55 20.58
N GLY B 15 2.13 -14.61 20.03
CA GLY B 15 2.03 -15.91 20.66
C GLY B 15 0.83 -16.71 20.22
N ALA B 16 -0.10 -16.06 19.53
CA ALA B 16 -1.30 -16.74 19.05
C ALA B 16 -0.96 -17.59 17.83
N SER B 17 -2.00 -18.21 17.26
CA SER B 17 -1.85 -19.04 16.08
C SER B 17 -3.01 -18.73 15.16
N VAL B 18 -2.81 -18.90 13.86
CA VAL B 18 -3.88 -18.62 12.90
C VAL B 18 -3.89 -19.65 11.77
N LYS B 19 -5.08 -19.93 11.26
CA LYS B 19 -5.24 -20.90 10.18
C LYS B 19 -5.89 -20.18 9.00
N ILE B 20 -5.11 -20.01 7.93
CA ILE B 20 -5.57 -19.34 6.72
C ILE B 20 -6.07 -20.37 5.72
N SER B 21 -7.23 -20.10 5.12
CA SER B 21 -7.80 -21.03 4.16
C SER B 21 -7.68 -20.53 2.72
N CYS B 22 -7.76 -21.48 1.79
CA CYS B 22 -7.65 -21.22 0.36
C CYS B 22 -8.61 -22.19 -0.33
N LYS B 23 -9.79 -21.70 -0.71
CA LYS B 23 -10.80 -22.52 -1.35
C LYS B 23 -10.72 -22.46 -2.87
N ALA B 24 -10.57 -23.63 -3.49
CA ALA B 24 -10.45 -23.69 -4.93
C ALA B 24 -11.73 -24.13 -5.65
N THR B 25 -11.99 -23.50 -6.79
CA THR B 25 -13.16 -23.81 -7.62
C THR B 25 -12.74 -23.70 -9.07
N GLY B 26 -13.46 -24.37 -9.96
CA GLY B 26 -13.14 -24.27 -11.38
C GLY B 26 -12.18 -25.30 -11.95
N TYR B 27 -11.64 -26.17 -11.11
CA TYR B 27 -10.72 -27.20 -11.57
C TYR B 27 -10.63 -28.33 -10.54
N THR B 28 -9.91 -29.40 -10.88
CA THR B 28 -9.77 -30.52 -9.96
C THR B 28 -8.66 -30.24 -8.96
N PHE B 29 -9.09 -29.79 -7.78
CA PHE B 29 -8.22 -29.41 -6.68
C PHE B 29 -7.13 -30.43 -6.31
N SER B 30 -7.47 -31.71 -6.30
CA SER B 30 -6.48 -32.72 -5.92
C SER B 30 -5.31 -32.90 -6.88
N SER B 31 -5.46 -32.43 -8.12
CA SER B 31 -4.43 -32.60 -9.13
C SER B 31 -3.28 -31.59 -9.21
N TYR B 32 -3.39 -30.46 -8.52
CA TYR B 32 -2.36 -29.44 -8.61
C TYR B 32 -1.74 -29.00 -7.29
N TRP B 33 -0.45 -28.72 -7.32
CA TRP B 33 0.24 -28.25 -6.12
C TRP B 33 -0.24 -26.85 -5.78
N ILE B 34 -0.39 -26.59 -4.48
CA ILE B 34 -0.78 -25.28 -3.99
C ILE B 34 0.46 -24.68 -3.32
N GLU B 35 0.85 -23.48 -3.76
CA GLU B 35 2.00 -22.79 -3.21
C GLU B 35 1.54 -21.75 -2.21
N TRP B 36 2.34 -21.53 -1.16
CA TRP B 36 2.03 -20.51 -0.16
C TRP B 36 3.17 -19.50 -0.19
N VAL B 37 2.81 -18.22 -0.25
CA VAL B 37 3.77 -17.13 -0.35
C VAL B 37 3.52 -16.03 0.70
N LYS B 38 4.59 -15.44 1.20
CA LYS B 38 4.51 -14.39 2.22
C LYS B 38 4.97 -13.04 1.67
N GLN B 39 4.14 -12.01 1.82
CA GLN B 39 4.50 -10.68 1.34
C GLN B 39 4.54 -9.71 2.52
N ARG B 40 5.73 -9.40 2.98
CA ARG B 40 5.91 -8.50 4.11
C ARG B 40 6.51 -7.20 3.59
N PRO B 41 5.93 -6.06 4.01
CA PRO B 41 6.43 -4.76 3.56
C PRO B 41 7.94 -4.64 3.70
N GLY B 42 8.62 -4.28 2.60
CA GLY B 42 10.06 -4.13 2.63
C GLY B 42 10.84 -5.43 2.56
N HIS B 43 10.15 -6.53 2.24
CA HIS B 43 10.80 -7.83 2.16
C HIS B 43 10.38 -8.60 0.90
N GLY B 44 9.91 -7.88 -0.11
CA GLY B 44 9.48 -8.51 -1.34
C GLY B 44 8.53 -9.67 -1.12
N LEU B 45 8.86 -10.82 -1.70
CA LEU B 45 8.04 -12.02 -1.56
C LEU B 45 8.90 -13.20 -1.11
N GLU B 46 8.34 -14.03 -0.24
CA GLU B 46 9.04 -15.20 0.28
C GLU B 46 8.20 -16.46 0.07
N TRP B 47 8.86 -17.52 -0.42
CA TRP B 47 8.18 -18.79 -0.65
C TRP B 47 8.14 -19.55 0.67
N ILE B 48 6.95 -19.98 1.08
CA ILE B 48 6.80 -20.70 2.35
C ILE B 48 6.90 -22.21 2.14
N GLY B 49 6.13 -22.71 1.17
CA GLY B 49 6.14 -24.12 0.89
C GLY B 49 5.00 -24.51 -0.04
N GLU B 50 4.73 -25.80 -0.16
CA GLU B 50 3.68 -26.25 -1.05
C GLU B 50 3.07 -27.59 -0.62
N ILE B 51 1.85 -27.85 -1.07
CA ILE B 51 1.17 -29.11 -0.76
C ILE B 51 0.41 -29.61 -1.98
N LEU B 52 0.43 -30.92 -2.20
CA LEU B 52 -0.30 -31.52 -3.32
C LEU B 52 -1.50 -32.17 -2.63
N PRO B 53 -2.69 -31.60 -2.81
CA PRO B 53 -3.89 -32.17 -2.17
C PRO B 53 -4.18 -33.65 -2.38
N GLY B 54 -3.98 -34.12 -3.60
CA GLY B 54 -4.25 -35.52 -3.90
C GLY B 54 -3.42 -36.54 -3.14
N SER B 55 -2.19 -36.18 -2.81
CA SER B 55 -1.30 -37.10 -2.10
C SER B 55 -1.01 -36.66 -0.67
N GLY B 56 -1.21 -35.37 -0.41
CA GLY B 56 -0.96 -34.83 0.91
C GLY B 56 0.52 -34.53 1.11
N ASP B 57 1.32 -34.75 0.07
CA ASP B 57 2.75 -34.50 0.15
C ASP B 57 3.03 -33.02 0.31
N THR B 58 3.97 -32.69 1.20
CA THR B 58 4.33 -31.30 1.44
C THR B 58 5.82 -31.09 1.32
N ILE B 59 6.20 -29.87 0.95
CA ILE B 59 7.59 -29.46 0.83
C ILE B 59 7.66 -28.06 1.41
N PHE B 60 8.52 -27.88 2.40
CA PHE B 60 8.67 -26.58 3.05
C PHE B 60 9.99 -25.88 2.80
N ASN B 61 9.94 -24.56 2.84
CA ASN B 61 11.13 -23.73 2.73
C ASN B 61 11.67 -23.92 4.15
N GLU B 62 12.92 -24.38 4.25
CA GLU B 62 13.54 -24.64 5.55
C GLU B 62 13.20 -23.62 6.62
N LYS B 63 13.28 -22.35 6.25
CA LYS B 63 13.01 -21.23 7.15
C LYS B 63 11.65 -21.28 7.85
N PHE B 64 10.67 -21.91 7.21
CA PHE B 64 9.32 -21.97 7.75
C PHE B 64 8.90 -23.32 8.31
N LYS B 65 9.84 -24.27 8.38
CA LYS B 65 9.50 -25.61 8.87
C LYS B 65 8.90 -25.65 10.27
N GLY B 66 9.23 -24.66 11.10
CA GLY B 66 8.69 -24.64 12.44
C GLY B 66 7.72 -23.51 12.66
N LYS B 67 7.24 -22.93 11.56
CA LYS B 67 6.30 -21.81 11.61
C LYS B 67 4.98 -22.15 10.93
N ALA B 68 5.06 -22.89 9.83
CA ALA B 68 3.85 -23.23 9.07
C ALA B 68 3.56 -24.72 8.99
N THR B 69 2.29 -25.04 8.82
CA THR B 69 1.82 -26.40 8.66
C THR B 69 0.72 -26.40 7.60
N PHE B 70 0.88 -27.25 6.59
CA PHE B 70 -0.09 -27.32 5.49
C PHE B 70 -1.05 -28.50 5.61
N THR B 71 -2.32 -28.25 5.29
CA THR B 71 -3.33 -29.29 5.29
C THR B 71 -4.25 -29.03 4.11
N ALA B 72 -5.04 -30.02 3.75
CA ALA B 72 -5.96 -29.87 2.64
C ALA B 72 -7.10 -30.86 2.80
N ASP B 73 -8.26 -30.51 2.26
CA ASP B 73 -9.43 -31.35 2.33
C ASP B 73 -10.00 -31.43 0.93
N THR B 74 -9.80 -32.58 0.27
CA THR B 74 -10.27 -32.76 -1.09
C THR B 74 -11.79 -32.79 -1.19
N SER B 75 -12.46 -33.06 -0.07
CA SER B 75 -13.91 -33.11 -0.04
C SER B 75 -14.50 -31.71 -0.18
N SER B 76 -13.85 -30.73 0.45
CA SER B 76 -14.32 -29.35 0.39
C SER B 76 -13.47 -28.48 -0.54
N ASN B 77 -12.49 -29.09 -1.19
CA ASN B 77 -11.61 -28.36 -2.11
C ASN B 77 -10.95 -27.17 -1.43
N THR B 78 -10.48 -27.36 -0.20
CA THR B 78 -9.85 -26.27 0.53
C THR B 78 -8.48 -26.63 1.08
N ALA B 79 -7.52 -25.72 0.92
CA ALA B 79 -6.18 -25.90 1.44
C ALA B 79 -6.04 -24.94 2.62
N TYR B 80 -5.24 -25.31 3.60
CA TYR B 80 -5.06 -24.45 4.77
C TYR B 80 -3.59 -24.34 5.17
N MET B 81 -3.26 -23.18 5.73
CA MET B 81 -1.91 -22.98 6.24
C MET B 81 -2.04 -22.42 7.65
N GLN B 82 -1.45 -23.12 8.61
CA GLN B 82 -1.48 -22.65 9.98
C GLN B 82 -0.12 -22.12 10.40
N LEU B 83 -0.13 -20.93 10.98
CA LEU B 83 1.09 -20.28 11.46
C LEU B 83 1.04 -20.29 12.98
N SER B 84 2.15 -20.66 13.62
CA SER B 84 2.19 -20.75 15.08
C SER B 84 3.10 -19.71 15.74
N SER B 85 3.00 -19.59 17.06
CA SER B 85 3.80 -18.66 17.84
C SER B 85 4.03 -17.36 17.09
N LEU B 86 2.94 -16.68 16.76
CA LEU B 86 3.02 -15.43 16.01
C LEU B 86 3.80 -14.31 16.67
N THR B 87 4.54 -13.58 15.85
CA THR B 87 5.35 -12.44 16.30
C THR B 87 5.12 -11.33 15.28
N SER B 88 5.63 -10.14 15.57
CA SER B 88 5.48 -9.02 14.65
C SER B 88 6.10 -9.29 13.28
N GLU B 89 7.08 -10.19 13.22
CA GLU B 89 7.72 -10.53 11.95
C GLU B 89 6.78 -11.35 11.06
N ASP B 90 5.70 -11.87 11.64
CA ASP B 90 4.74 -12.66 10.87
C ASP B 90 3.68 -11.79 10.23
N SER B 91 3.63 -10.51 10.60
CA SER B 91 2.65 -9.60 10.01
C SER B 91 2.98 -9.48 8.53
N ALA B 92 2.01 -9.80 7.69
CA ALA B 92 2.20 -9.74 6.25
C ALA B 92 0.92 -10.20 5.56
N VAL B 93 0.96 -10.22 4.23
CA VAL B 93 -0.18 -10.69 3.46
C VAL B 93 0.28 -12.04 2.94
N TYR B 94 -0.56 -13.06 3.12
CA TYR B 94 -0.22 -14.41 2.67
C TYR B 94 -1.08 -14.82 1.50
N TYR B 95 -0.46 -15.47 0.53
CA TYR B 95 -1.16 -15.92 -0.67
C TYR B 95 -0.98 -17.40 -0.92
N CYS B 96 -1.99 -17.98 -1.56
CA CYS B 96 -1.91 -19.37 -2.01
C CYS B 96 -1.95 -19.19 -3.52
N ALA B 97 -1.30 -20.08 -4.26
CA ALA B 97 -1.28 -19.98 -5.71
C ALA B 97 -1.17 -21.38 -6.28
N ARG B 98 -1.76 -21.58 -7.46
CA ARG B 98 -1.73 -22.89 -8.08
C ARG B 98 -0.53 -23.06 -9.00
N TRP B 99 0.18 -24.17 -8.83
CA TRP B 99 1.32 -24.46 -9.69
C TRP B 99 0.85 -25.45 -10.75
N VAL B 100 1.24 -25.20 -11.99
CA VAL B 100 0.89 -26.10 -13.08
C VAL B 100 2.20 -26.64 -13.63
N LEU B 101 2.36 -27.96 -13.60
CA LEU B 101 3.59 -28.60 -14.04
C LEU B 101 4.10 -28.30 -15.46
N ASP B 102 3.25 -28.47 -16.46
CA ASP B 102 3.66 -28.23 -17.85
C ASP B 102 3.78 -26.74 -18.19
N TYR B 103 3.34 -25.89 -17.26
CA TYR B 103 3.40 -24.44 -17.42
C TYR B 103 4.67 -23.98 -16.73
N TYR B 104 5.10 -24.76 -15.75
CA TYR B 104 6.29 -24.46 -14.95
C TYR B 104 6.14 -23.12 -14.24
N GLY B 105 5.00 -22.94 -13.57
CA GLY B 105 4.77 -21.70 -12.87
C GLY B 105 3.46 -21.63 -12.12
N MET B 106 3.25 -20.50 -11.44
CA MET B 106 2.04 -20.27 -10.66
C MET B 106 1.11 -19.39 -11.48
N ASP B 107 0.01 -19.96 -11.95
CA ASP B 107 -0.90 -19.16 -12.76
C ASP B 107 -1.99 -18.43 -12.00
N TYR B 108 -2.85 -19.15 -11.29
CA TYR B 108 -3.91 -18.49 -10.54
C TYR B 108 -3.52 -18.25 -9.09
N TRP B 109 -3.83 -17.05 -8.59
CA TRP B 109 -3.50 -16.66 -7.23
C TRP B 109 -4.72 -16.31 -6.39
N GLY B 110 -4.66 -16.61 -5.10
CA GLY B 110 -5.75 -16.27 -4.19
C GLY B 110 -5.69 -14.75 -4.02
N GLN B 111 -6.69 -14.15 -3.38
CA GLN B 111 -6.67 -12.70 -3.25
C GLN B 111 -5.81 -12.20 -2.11
N GLY B 112 -5.23 -13.13 -1.36
CA GLY B 112 -4.38 -12.74 -0.24
C GLY B 112 -5.13 -12.56 1.06
N THR B 113 -4.44 -12.87 2.15
CA THR B 113 -4.98 -12.74 3.51
C THR B 113 -4.01 -11.89 4.33
N SER B 114 -4.51 -10.78 4.85
CA SER B 114 -3.68 -9.88 5.63
C SER B 114 -3.67 -10.28 7.10
N LEU B 115 -2.49 -10.59 7.62
CA LEU B 115 -2.33 -10.97 9.00
C LEU B 115 -1.60 -9.87 9.76
N THR B 116 -2.18 -9.46 10.89
CA THR B 116 -1.58 -8.43 11.73
C THR B 116 -1.41 -9.01 13.12
N VAL B 117 -0.16 -9.05 13.59
CA VAL B 117 0.14 -9.54 14.91
C VAL B 117 0.45 -8.31 15.77
N SER B 118 -0.44 -7.99 16.69
CA SER B 118 -0.29 -6.82 17.54
C SER B 118 -0.91 -7.02 18.91
N SER B 119 -0.41 -6.27 19.89
CA SER B 119 -0.94 -6.36 21.25
C SER B 119 -1.52 -5.01 21.64
N ALA B 120 -1.57 -4.10 20.66
CA ALA B 120 -2.11 -2.77 20.88
C ALA B 120 -3.59 -2.78 21.20
N SER B 121 -4.03 -1.82 21.99
CA SER B 121 -5.44 -1.73 22.38
C SER B 121 -6.17 -0.65 21.59
N THR B 122 -7.48 -0.78 21.51
CA THR B 122 -8.32 0.18 20.80
C THR B 122 -8.20 1.54 21.48
N THR B 123 -7.93 2.57 20.68
CA THR B 123 -7.77 3.92 21.19
C THR B 123 -8.59 4.90 20.36
N PRO B 124 -9.41 5.73 21.02
CA PRO B 124 -10.23 6.70 20.29
C PRO B 124 -9.38 7.87 19.81
N PRO B 125 -9.80 8.53 18.72
CA PRO B 125 -9.02 9.66 18.23
C PRO B 125 -9.42 10.99 18.85
N SER B 126 -8.55 11.98 18.66
CA SER B 126 -8.80 13.34 19.10
C SER B 126 -9.08 14.05 17.79
N VAL B 127 -10.15 14.84 17.76
CA VAL B 127 -10.50 15.54 16.53
C VAL B 127 -10.30 17.03 16.66
N TYR B 128 -9.57 17.61 15.72
CA TYR B 128 -9.29 19.04 15.73
C TYR B 128 -9.62 19.71 14.41
N PRO B 129 -10.15 20.94 14.47
CA PRO B 129 -10.52 21.70 13.28
C PRO B 129 -9.30 22.31 12.60
N LEU B 130 -9.31 22.36 11.28
CA LEU B 130 -8.21 22.94 10.52
C LEU B 130 -8.73 24.13 9.74
N ALA B 131 -8.44 25.33 10.22
CA ALA B 131 -8.89 26.55 9.56
C ALA B 131 -7.70 27.29 8.94
N PRO B 132 -7.96 28.10 7.90
CA PRO B 132 -6.94 28.87 7.20
C PRO B 132 -6.22 29.85 8.13
N GLY B 133 -5.07 30.34 7.69
CA GLY B 133 -4.32 31.28 8.50
C GLY B 133 -4.90 32.68 8.41
N GLY B 134 -5.68 33.06 9.41
CA GLY B 134 -6.29 34.37 9.42
C GLY B 134 -5.38 35.45 9.98
N SER B 141 -8.39 34.43 -2.48
CA SER B 141 -8.71 33.52 -3.58
C SER B 141 -10.22 33.37 -3.74
N ALA B 142 -10.63 32.50 -4.66
CA ALA B 142 -12.04 32.26 -4.91
C ALA B 142 -12.50 31.06 -4.09
N MET B 143 -11.56 30.18 -3.76
CA MET B 143 -11.85 28.97 -2.99
C MET B 143 -11.12 28.98 -1.66
N VAL B 144 -11.66 28.23 -0.70
CA VAL B 144 -11.06 28.13 0.62
C VAL B 144 -11.02 26.65 1.00
N THR B 145 -9.94 26.22 1.61
CA THR B 145 -9.81 24.82 2.01
C THR B 145 -9.86 24.69 3.52
N LEU B 146 -10.77 23.85 4.00
CA LEU B 146 -10.93 23.62 5.43
C LEU B 146 -10.60 22.16 5.68
N GLY B 147 -10.30 21.82 6.93
CA GLY B 147 -9.98 20.44 7.20
C GLY B 147 -10.25 20.03 8.63
N CYS B 148 -9.96 18.76 8.91
CA CYS B 148 -10.12 18.21 10.23
C CYS B 148 -9.03 17.18 10.44
N LEU B 149 -8.41 17.27 11.60
CA LEU B 149 -7.33 16.35 11.96
C LEU B 149 -7.89 15.30 12.91
N VAL B 150 -7.63 14.04 12.59
CA VAL B 150 -8.09 12.92 13.40
C VAL B 150 -6.82 12.23 13.85
N LYS B 151 -6.40 12.51 15.07
CA LYS B 151 -5.15 11.98 15.61
C LYS B 151 -5.18 10.97 16.75
N GLY B 152 -4.20 10.07 16.72
CA GLY B 152 -4.03 9.07 17.76
C GLY B 152 -5.06 7.99 17.97
N TYR B 153 -5.53 7.37 16.88
CA TYR B 153 -6.51 6.31 17.03
C TYR B 153 -5.97 4.96 16.60
N PHE B 154 -6.64 3.90 17.05
CA PHE B 154 -6.25 2.55 16.72
C PHE B 154 -7.42 1.62 17.06
N PRO B 155 -7.75 0.68 16.18
CA PRO B 155 -7.09 0.44 14.89
C PRO B 155 -7.81 1.25 13.82
N GLU B 156 -7.43 1.05 12.56
CA GLU B 156 -8.10 1.74 11.47
C GLU B 156 -9.43 1.01 11.29
N PRO B 157 -10.41 1.66 10.65
CA PRO B 157 -10.32 3.01 10.10
C PRO B 157 -11.22 3.98 10.86
N VAL B 158 -11.34 5.18 10.29
CA VAL B 158 -12.21 6.22 10.82
C VAL B 158 -12.92 6.73 9.58
N THR B 159 -14.10 7.31 9.76
CA THR B 159 -14.84 7.85 8.64
C THR B 159 -15.02 9.34 8.84
N VAL B 160 -15.00 10.09 7.74
CA VAL B 160 -15.17 11.52 7.82
C VAL B 160 -16.12 12.02 6.75
N VAL B 161 -17.16 12.72 7.17
CA VAL B 161 -18.11 13.30 6.24
C VAL B 161 -18.17 14.79 6.58
N TRP B 162 -18.68 15.59 5.66
CA TRP B 162 -18.78 17.02 5.87
C TRP B 162 -20.23 17.45 5.78
N ASN B 163 -20.68 18.19 6.79
CA ASN B 163 -22.07 18.65 6.85
C ASN B 163 -23.02 17.48 6.68
N LYS B 164 -22.72 16.40 7.39
CA LYS B 164 -23.53 15.18 7.39
C LYS B 164 -23.73 14.59 5.99
N GLY B 165 -22.72 14.71 5.14
CA GLY B 165 -22.82 14.17 3.79
C GLY B 165 -23.34 15.15 2.77
N SER B 166 -23.78 16.32 3.23
CA SER B 166 -24.31 17.37 2.36
C SER B 166 -23.20 17.99 1.52
N LEU B 167 -21.99 18.03 2.08
CA LEU B 167 -20.84 18.57 1.38
C LEU B 167 -20.04 17.36 0.94
N SER B 168 -20.17 16.99 -0.34
CA SER B 168 -19.49 15.81 -0.85
C SER B 168 -18.43 16.07 -1.92
N THR B 169 -18.65 17.06 -2.76
CA THR B 169 -17.68 17.36 -3.79
C THR B 169 -16.59 18.25 -3.21
N GLY B 170 -15.35 18.07 -3.68
CA GLY B 170 -14.25 18.85 -3.18
C GLY B 170 -13.68 18.31 -1.88
N THR B 171 -14.12 17.11 -1.51
CA THR B 171 -13.66 16.47 -0.29
C THR B 171 -12.51 15.50 -0.55
N HIS B 172 -11.47 15.63 0.26
CA HIS B 172 -10.29 14.77 0.14
C HIS B 172 -9.97 14.15 1.50
N THR B 173 -10.24 12.85 1.64
CA THR B 173 -9.91 12.17 2.89
C THR B 173 -8.63 11.40 2.59
N PHE B 174 -7.55 11.88 3.17
CA PHE B 174 -6.21 11.34 2.95
C PHE B 174 -5.92 10.02 3.66
N PRO B 175 -4.90 9.29 3.17
CA PRO B 175 -4.52 8.01 3.77
C PRO B 175 -3.97 8.25 5.17
N ALA B 176 -4.18 7.30 6.07
CA ALA B 176 -3.68 7.43 7.43
C ALA B 176 -2.21 7.03 7.48
N VAL B 177 -1.50 7.52 8.49
CA VAL B 177 -0.10 7.19 8.66
C VAL B 177 0.14 6.98 10.15
N LEU B 178 1.19 6.23 10.50
CA LEU B 178 1.50 5.97 11.89
C LEU B 178 2.41 7.04 12.51
N ALA B 179 2.21 7.29 13.79
CA ALA B 179 2.99 8.25 14.55
C ALA B 179 2.91 7.84 16.02
N ALA B 180 4.01 7.31 16.55
CA ALA B 180 4.07 6.87 17.94
C ALA B 180 3.14 5.67 18.19
N ASP B 181 3.14 4.73 17.26
CA ASP B 181 2.32 3.52 17.33
C ASP B 181 0.82 3.71 17.14
N LEU B 182 0.40 4.95 16.83
CA LEU B 182 -1.02 5.25 16.61
C LEU B 182 -1.23 5.87 15.22
N TYR B 183 -2.49 5.88 14.75
CA TYR B 183 -2.81 6.43 13.43
C TYR B 183 -3.24 7.88 13.45
N THR B 184 -2.89 8.60 12.39
CA THR B 184 -3.24 10.00 12.22
C THR B 184 -3.77 10.16 10.80
N LEU B 185 -4.93 10.78 10.69
CA LEU B 185 -5.55 11.00 9.41
C LEU B 185 -6.10 12.41 9.37
N SER B 186 -6.31 12.93 8.17
CA SER B 186 -6.89 14.25 8.03
C SER B 186 -7.78 14.23 6.80
N SER B 187 -8.76 15.11 6.78
CA SER B 187 -9.68 15.22 5.66
C SER B 187 -9.88 16.69 5.39
N SER B 188 -9.99 17.05 4.11
CA SER B 188 -10.18 18.46 3.77
C SER B 188 -11.33 18.64 2.78
N VAL B 189 -11.90 19.83 2.77
CA VAL B 189 -12.99 20.14 1.85
C VAL B 189 -12.73 21.53 1.31
N THR B 190 -12.86 21.67 0.00
CA THR B 190 -12.64 22.97 -0.63
C THR B 190 -13.98 23.51 -1.11
N VAL B 191 -14.34 24.68 -0.60
CA VAL B 191 -15.60 25.31 -0.97
C VAL B 191 -15.39 26.75 -1.40
N SER B 192 -16.45 27.34 -1.94
CA SER B 192 -16.41 28.72 -2.40
C SER B 192 -16.17 29.66 -1.23
N ALA B 193 -15.25 30.60 -1.41
CA ALA B 193 -14.93 31.56 -0.35
C ALA B 193 -16.18 32.33 0.08
N SER B 194 -17.22 32.29 -0.75
CA SER B 194 -18.45 33.00 -0.44
C SER B 194 -19.42 32.14 0.36
N SER B 195 -19.05 30.88 0.58
CA SER B 195 -19.89 29.96 1.35
C SER B 195 -19.36 29.72 2.76
N TRP B 196 -18.16 30.22 3.03
CA TRP B 196 -17.56 30.07 4.36
C TRP B 196 -16.69 31.29 4.64
N PRO B 197 -16.78 31.83 5.87
CA PRO B 197 -17.63 31.38 6.98
C PRO B 197 -19.10 31.80 6.89
N GLY B 198 -19.48 32.37 5.76
CA GLY B 198 -20.87 32.79 5.57
C GLY B 198 -21.85 31.67 5.88
N GLN B 199 -21.44 30.45 5.59
CA GLN B 199 -22.26 29.27 5.83
C GLN B 199 -21.43 28.36 6.73
N SER B 200 -22.07 27.41 7.40
CA SER B 200 -21.36 26.51 8.30
C SER B 200 -20.76 25.29 7.62
N VAL B 201 -19.58 24.90 8.10
CA VAL B 201 -18.87 23.73 7.60
C VAL B 201 -18.47 22.93 8.84
N THR B 202 -18.94 21.70 8.90
CA THR B 202 -18.66 20.84 10.04
C THR B 202 -18.21 19.46 9.60
N CYS B 203 -17.16 18.94 10.22
CA CYS B 203 -16.74 17.60 9.87
C CYS B 203 -17.33 16.65 10.89
N ASN B 204 -17.76 15.49 10.41
CA ASN B 204 -18.35 14.47 11.27
C ASN B 204 -17.39 13.29 11.24
N VAL B 205 -16.75 13.04 12.39
CA VAL B 205 -15.79 11.95 12.50
C VAL B 205 -16.31 10.79 13.33
N ALA B 206 -16.09 9.57 12.84
CA ALA B 206 -16.52 8.39 13.55
C ALA B 206 -15.40 7.37 13.58
N HIS B 207 -15.24 6.70 14.71
CA HIS B 207 -14.23 5.66 14.87
C HIS B 207 -14.95 4.45 15.45
N PRO B 208 -15.59 3.65 14.58
CA PRO B 208 -16.34 2.45 14.95
C PRO B 208 -15.72 1.60 16.05
N ALA B 209 -14.46 1.24 15.87
CA ALA B 209 -13.76 0.40 16.84
C ALA B 209 -13.94 0.85 18.28
N SER B 210 -13.92 2.17 18.50
CA SER B 210 -14.09 2.70 19.85
C SER B 210 -15.47 3.32 20.05
N SER B 211 -16.33 3.18 19.05
CA SER B 211 -17.68 3.74 19.13
C SER B 211 -17.64 5.20 19.54
N THR B 212 -16.79 5.96 18.87
CA THR B 212 -16.63 7.38 19.16
C THR B 212 -17.12 8.18 17.95
N LYS B 213 -17.88 9.24 18.22
CA LYS B 213 -18.37 10.10 17.16
C LYS B 213 -18.16 11.53 17.61
N VAL B 214 -17.51 12.32 16.76
CA VAL B 214 -17.24 13.71 17.08
C VAL B 214 -17.56 14.63 15.90
N ASP B 215 -18.29 15.70 16.19
CA ASP B 215 -18.63 16.68 15.17
C ASP B 215 -17.87 17.95 15.54
N LYS B 216 -17.11 18.50 14.58
CA LYS B 216 -16.34 19.70 14.84
C LYS B 216 -16.64 20.78 13.81
N LYS B 217 -17.09 21.94 14.28
CA LYS B 217 -17.39 23.04 13.39
C LYS B 217 -16.11 23.80 13.11
N ILE B 218 -15.88 24.13 11.84
CA ILE B 218 -14.68 24.87 11.46
C ILE B 218 -15.01 26.36 11.49
N ALA B 219 -14.46 27.05 12.47
CA ALA B 219 -14.71 28.48 12.60
C ALA B 219 -13.40 29.24 12.39
N PRO B 220 -13.49 30.48 11.87
CA PRO B 220 -12.31 31.31 11.62
C PRO B 220 -11.43 31.41 12.86
N SER B 221 -10.13 31.59 12.65
CA SER B 221 -9.18 31.70 13.75
C SER B 221 -9.13 33.13 14.30
S SO4 C . 9.40 21.11 25.45
O1 SO4 C . 7.97 21.06 25.78
O2 SO4 C . 9.95 22.41 25.90
O3 SO4 C . 9.60 20.96 24.00
O4 SO4 C . 10.11 20.02 26.16
S SO4 D . -9.94 -30.08 -14.59
O1 SO4 D . -10.97 -30.83 -13.86
O2 SO4 D . -8.94 -29.58 -13.65
O3 SO4 D . -10.58 -28.95 -15.30
O4 SO4 D . -9.30 -30.97 -15.59
O1 PG4 E . 8.17 -32.85 -6.42
C1 PG4 E . 7.27 -32.11 -7.25
C2 PG4 E . 7.81 -30.67 -7.43
O2 PG4 E . 6.84 -29.88 -8.10
C3 PG4 E . 6.45 -28.78 -7.26
C4 PG4 E . 6.63 -27.46 -8.03
O3 PG4 E . 7.93 -26.94 -7.78
C5 PG4 E . 8.49 -26.42 -9.00
C6 PG4 E . 9.60 -27.36 -9.52
O4 PG4 E . 9.66 -27.27 -10.95
C7 PG4 E . 10.98 -27.57 -11.39
C8 PG4 E . 10.93 -28.24 -12.78
O5 PG4 E . 11.83 -29.35 -12.81
#